data_5QI7
#
_entry.id   5QI7
#
_cell.length_a   34.406
_cell.length_b   41.460
_cell.length_c   110.755
_cell.angle_alpha   90.000
_cell.angle_beta   90.000
_cell.angle_gamma   90.000
#
_symmetry.space_group_name_H-M   'P 21 21 21'
#
loop_
_entity.id
_entity.type
_entity.pdbx_description
1 polymer 'Poly [ADP-ribose] polymerase 14'
2 non-polymer 'CHLORIDE ION'
3 non-polymer 'DIMETHYL SULFOXIDE'
4 non-polymer ~{N}-(4-methyl-2-oxidanyl-phenyl)propanamide
5 water water
#
_entity_poly.entity_id   1
_entity_poly.type   'polypeptide(L)'
_entity_poly.pdbx_seq_one_letter_code
;SMFYGTVSSPDSGVYEMKIGSIIFQVASGDITKEEADVIVNSTSNSFNLKAGVSKAILECAGQNVERECSQQAQQRKNDY
IITGGGFLRCKNIIHVIGGNDVKSSVSSVLQECEKKNYSSICLPAIGTGNAKQHPDKVAEAIIDAIEDFVQKGSAQSVKK
VKVVIFLPQVLDVFYANMKKREG
;
_entity_poly.pdbx_strand_id   A
#
loop_
_chem_comp.id
_chem_comp.type
_chem_comp.name
_chem_comp.formula
CL non-polymer 'CHLORIDE ION' 'Cl -1'
DMS non-polymer 'DIMETHYL SULFOXIDE' 'C2 H6 O S'
GVV non-polymer ~{N}-(4-methyl-2-oxidanyl-phenyl)propanamide 'C10 H13 N O2'
#
# COMPACT_ATOMS: atom_id res chain seq x y z
N MET A 2 -7.50 -15.57 16.71
CA MET A 2 -6.49 -14.58 17.17
C MET A 2 -5.55 -14.04 16.06
N PHE A 3 -5.42 -14.76 14.94
CA PHE A 3 -4.90 -14.29 13.64
C PHE A 3 -3.38 -14.15 13.52
N TYR A 4 -2.71 -13.65 14.57
CA TYR A 4 -1.32 -13.15 14.45
C TYR A 4 -0.28 -14.21 14.79
N GLY A 5 0.69 -14.35 13.88
CA GLY A 5 1.90 -15.15 14.12
C GLY A 5 2.98 -14.36 14.86
N THR A 6 4.23 -14.67 14.55
CA THR A 6 5.40 -14.19 15.29
C THR A 6 6.22 -13.22 14.43
N VAL A 7 6.71 -12.13 15.02
CA VAL A 7 7.60 -11.21 14.32
C VAL A 7 9.02 -11.78 14.21
N SER A 8 9.58 -11.81 12.99
CA SER A 8 10.98 -12.18 12.76
C SER A 8 11.58 -11.28 11.66
N SER A 9 12.89 -11.40 11.44
CA SER A 9 13.60 -10.60 10.47
C SER A 9 14.30 -11.51 9.42
N PRO A 10 13.73 -11.61 8.21
CA PRO A 10 14.33 -12.48 7.20
C PRO A 10 15.60 -11.92 6.53
N ASP A 11 15.77 -10.60 6.57
CA ASP A 11 16.95 -9.86 6.05
C ASP A 11 17.16 -8.58 6.88
N SER A 12 18.35 -7.98 6.85
CA SER A 12 18.60 -6.81 7.72
C SER A 12 17.60 -5.66 7.47
N GLY A 13 17.01 -5.14 8.55
CA GLY A 13 16.04 -4.06 8.45
C GLY A 13 14.66 -4.43 7.89
N VAL A 14 14.41 -5.71 7.65
CA VAL A 14 13.10 -6.20 7.15
C VAL A 14 12.47 -7.06 8.24
N TYR A 15 11.18 -6.86 8.48
CA TYR A 15 10.46 -7.55 9.54
C TYR A 15 9.18 -8.13 8.98
N GLU A 16 8.81 -9.32 9.43
CA GLU A 16 7.60 -9.97 8.93
C GLU A 16 6.85 -10.75 10.02
N MET A 17 5.55 -10.95 9.76
CA MET A 17 4.72 -11.83 10.59
C MET A 17 3.53 -12.32 9.76
N LYS A 18 3.00 -13.48 10.11
CA LYS A 18 1.77 -13.94 9.48
C LYS A 18 0.53 -13.25 10.10
N ILE A 19 -0.45 -12.93 9.23
CA ILE A 19 -1.80 -12.48 9.64
C ILE A 19 -2.75 -13.42 8.89
N GLY A 20 -3.29 -14.42 9.59
CA GLY A 20 -3.90 -15.57 8.93
C GLY A 20 -2.89 -16.20 7.99
N SER A 21 -3.32 -16.40 6.74
CA SER A 21 -2.48 -16.97 5.68
C SER A 21 -1.53 -15.97 4.99
N ILE A 22 -1.68 -14.67 5.25
CA ILE A 22 -0.92 -13.62 4.55
C ILE A 22 0.40 -13.33 5.28
N ILE A 23 1.48 -13.21 4.51
N ILE A 23 1.47 -13.20 4.50
CA ILE A 23 2.72 -12.70 5.10
CA ILE A 23 2.75 -12.70 5.00
C ILE A 23 2.75 -11.17 4.97
C ILE A 23 2.71 -11.16 4.96
N PHE A 24 2.80 -10.51 6.13
CA PHE A 24 2.86 -9.05 6.25
C PHE A 24 4.31 -8.65 6.56
N GLN A 25 4.89 -7.79 5.71
N GLN A 25 4.88 -7.76 5.74
CA GLN A 25 6.28 -7.35 5.89
CA GLN A 25 6.29 -7.38 5.83
C GLN A 25 6.38 -5.83 5.88
C GLN A 25 6.43 -5.84 5.83
N VAL A 26 7.41 -5.32 6.57
CA VAL A 26 7.79 -3.91 6.55
C VAL A 26 9.30 -3.78 6.34
N ALA A 27 9.70 -2.71 5.65
CA ALA A 27 11.12 -2.38 5.42
C ALA A 27 11.24 -0.91 5.08
N SER A 28 12.40 -0.29 5.32
CA SER A 28 12.66 1.06 4.81
C SER A 28 13.26 0.98 3.40
N GLY A 29 13.07 2.02 2.60
CA GLY A 29 13.70 2.10 1.28
C GLY A 29 12.86 2.82 0.22
N ASP A 30 13.25 2.61 -1.04
CA ASP A 30 12.66 3.25 -2.21
C ASP A 30 11.63 2.30 -2.83
N ILE A 31 10.35 2.63 -2.68
CA ILE A 31 9.27 1.79 -3.20
C ILE A 31 9.31 1.59 -4.74
N THR A 32 9.91 2.54 -5.47
CA THR A 32 9.95 2.45 -6.94
C THR A 32 10.90 1.38 -7.49
N LYS A 33 11.70 0.79 -6.61
CA LYS A 33 12.59 -0.31 -6.96
C LYS A 33 11.99 -1.70 -6.66
N GLU A 34 10.78 -1.73 -6.09
CA GLU A 34 10.12 -3.00 -5.74
C GLU A 34 9.38 -3.64 -6.94
N GLU A 35 9.29 -4.98 -6.88
CA GLU A 35 8.46 -5.76 -7.82
C GLU A 35 7.26 -6.34 -7.06
N ALA A 36 6.05 -6.15 -7.59
CA ALA A 36 4.82 -6.71 -6.97
C ALA A 36 3.72 -6.69 -8.03
N ASP A 37 2.65 -7.48 -7.83
CA ASP A 37 1.53 -7.37 -8.78
C ASP A 37 0.93 -5.93 -8.79
N VAL A 38 0.73 -5.38 -7.58
CA VAL A 38 0.25 -3.99 -7.42
C VAL A 38 1.22 -3.19 -6.55
N ILE A 39 1.52 -1.95 -7.00
CA ILE A 39 2.15 -0.92 -6.16
C ILE A 39 1.10 0.17 -5.91
N VAL A 40 1.04 0.66 -4.66
CA VAL A 40 0.07 1.71 -4.26
C VAL A 40 0.75 3.10 -4.22
N ASN A 41 0.08 4.09 -4.82
CA ASN A 41 0.47 5.51 -4.73
C ASN A 41 -0.46 6.20 -3.71
N SER A 42 0.07 7.16 -2.95
CA SER A 42 -0.71 7.99 -2.00
C SER A 42 -0.67 9.43 -2.52
N THR A 43 -1.83 9.91 -3.01
CA THR A 43 -1.87 11.17 -3.79
C THR A 43 -3.03 12.09 -3.34
N SER A 44 -3.25 13.15 -4.10
CA SER A 44 -4.30 14.15 -3.86
C SER A 44 -5.63 13.73 -4.50
N ASN A 45 -6.68 14.51 -4.24
CA ASN A 45 -8.04 14.22 -4.71
C ASN A 45 -8.22 14.35 -6.24
N SER A 46 -7.27 15.00 -6.92
CA SER A 46 -7.22 15.11 -8.37
C SER A 46 -6.22 14.17 -9.05
N PHE A 47 -5.53 13.36 -8.24
CA PHE A 47 -4.66 12.30 -8.77
C PHE A 47 -3.50 12.86 -9.62
N ASN A 48 -3.06 14.08 -9.29
CA ASN A 48 -1.99 14.75 -10.08
C ASN A 48 -0.88 15.38 -9.20
N LEU A 49 -0.83 14.98 -7.93
CA LEU A 49 0.25 15.42 -7.03
C LEU A 49 1.59 14.83 -7.49
N LYS A 50 2.67 15.59 -7.29
CA LYS A 50 4.02 15.12 -7.61
C LYS A 50 4.98 15.60 -6.53
N ALA A 51 4.77 15.12 -5.30
CA ALA A 51 5.56 15.49 -4.12
C ALA A 51 5.66 14.27 -3.20
N GLY A 52 6.85 13.99 -2.66
CA GLY A 52 7.01 12.80 -1.82
C GLY A 52 6.85 11.52 -2.64
N VAL A 53 6.10 10.53 -2.13
CA VAL A 53 5.99 9.25 -2.84
C VAL A 53 5.38 9.42 -4.23
N SER A 54 4.45 10.37 -4.39
CA SER A 54 3.81 10.58 -5.70
C SER A 54 4.80 11.12 -6.73
N LYS A 55 5.77 11.94 -6.31
CA LYS A 55 6.84 12.38 -7.23
C LYS A 55 7.65 11.17 -7.71
N ALA A 56 8.11 10.35 -6.78
CA ALA A 56 8.89 9.17 -7.11
C ALA A 56 8.13 8.21 -8.04
N ILE A 57 6.88 7.91 -7.68
CA ILE A 57 6.06 7.00 -8.48
C ILE A 57 5.75 7.54 -9.88
N LEU A 58 5.28 8.80 -10.00
CA LEU A 58 4.93 9.32 -11.32
C LEU A 58 6.15 9.52 -12.22
N GLU A 59 7.29 9.96 -11.66
CA GLU A 59 8.52 10.11 -12.45
C GLU A 59 9.04 8.77 -12.99
N CYS A 60 9.09 7.74 -12.14
N CYS A 60 9.00 7.73 -12.17
CA CYS A 60 9.49 6.39 -12.59
CA CYS A 60 9.50 6.43 -12.60
C CYS A 60 8.47 5.73 -13.54
C CYS A 60 8.48 5.64 -13.46
N ALA A 61 7.18 5.81 -13.20
CA ALA A 61 6.14 5.16 -14.02
C ALA A 61 6.04 5.75 -15.44
N GLY A 62 6.19 7.08 -15.52
CA GLY A 62 6.24 7.76 -16.81
C GLY A 62 4.99 8.52 -17.20
N GLN A 63 5.12 9.26 -18.29
CA GLN A 63 4.09 10.21 -18.70
C GLN A 63 2.77 9.59 -19.12
N ASN A 64 2.80 8.36 -19.68
CA ASN A 64 1.54 7.71 -20.05
C ASN A 64 0.68 7.40 -18.81
N VAL A 65 1.30 7.02 -17.70
CA VAL A 65 0.56 6.81 -16.43
C VAL A 65 0.04 8.13 -15.88
N GLU A 66 0.87 9.17 -15.91
CA GLU A 66 0.41 10.52 -15.50
C GLU A 66 -0.84 10.95 -16.26
N ARG A 67 -0.82 10.76 -17.58
N ARG A 67 -0.83 10.77 -17.59
CA ARG A 67 -1.93 11.16 -18.44
CA ARG A 67 -1.97 11.18 -18.42
C ARG A 67 -3.20 10.35 -18.13
C ARG A 67 -3.22 10.33 -18.17
N GLU A 68 -3.04 9.03 -17.95
CA GLU A 68 -4.16 8.13 -17.59
C GLU A 68 -4.85 8.56 -16.27
N CYS A 69 -4.07 8.95 -15.27
N CYS A 69 -4.06 9.06 -15.33
CA CYS A 69 -4.62 9.42 -13.99
CA CYS A 69 -4.59 9.68 -14.11
C CYS A 69 -5.58 10.60 -14.14
C CYS A 69 -5.43 10.94 -14.34
N SER A 70 -5.12 11.63 -14.87
N SER A 70 -4.94 11.95 -15.07
CA SER A 70 -5.88 12.88 -15.06
CA SER A 70 -5.78 13.12 -15.29
C SER A 70 -7.08 12.68 -15.99
C SER A 70 -7.06 12.75 -16.05
N GLN A 71 -6.95 11.78 -16.97
CA GLN A 71 -8.11 11.37 -17.81
C GLN A 71 -9.21 10.69 -16.98
N GLN A 72 -8.86 9.76 -16.09
CA GLN A 72 -9.86 9.16 -15.21
C GLN A 72 -10.45 10.16 -14.19
N ALA A 73 -9.62 11.08 -13.69
CA ALA A 73 -10.07 12.08 -12.70
C ALA A 73 -11.16 12.99 -13.25
N GLN A 74 -11.08 13.32 -14.53
CA GLN A 74 -12.08 14.17 -15.19
C GLN A 74 -13.37 13.43 -15.61
N GLN A 75 -13.32 12.09 -15.69
CA GLN A 75 -14.49 11.27 -16.11
C GLN A 75 -15.61 11.19 -15.07
N ARG A 76 -15.22 11.02 -13.81
CA ARG A 76 -16.14 10.82 -12.69
C ARG A 76 -15.47 11.17 -11.37
N LYS A 77 -16.23 11.20 -10.28
CA LYS A 77 -15.68 11.38 -8.92
C LYS A 77 -15.21 10.01 -8.39
N ASN A 78 -13.90 9.86 -8.16
CA ASN A 78 -13.29 8.58 -7.73
C ASN A 78 -12.73 8.67 -6.30
N ASP A 79 -12.94 7.63 -5.49
CA ASP A 79 -12.22 7.50 -4.22
C ASP A 79 -10.77 6.99 -4.45
N TYR A 80 -10.55 6.27 -5.54
CA TYR A 80 -9.23 5.76 -5.95
C TYR A 80 -9.30 5.42 -7.44
N ILE A 81 -8.17 5.30 -8.12
N ILE A 81 -8.14 5.27 -8.09
CA ILE A 81 -8.15 4.87 -9.51
CA ILE A 81 -7.99 5.03 -9.55
C ILE A 81 -7.07 3.80 -9.72
C ILE A 81 -6.99 3.90 -9.82
N ILE A 82 -7.30 2.99 -10.75
CA ILE A 82 -6.41 1.90 -11.15
C ILE A 82 -5.86 2.21 -12.54
N THR A 83 -4.51 2.26 -12.67
CA THR A 83 -3.84 2.46 -13.96
C THR A 83 -2.90 1.29 -14.26
N GLY A 84 -2.33 1.29 -15.46
CA GLY A 84 -1.21 0.42 -15.74
C GLY A 84 0.01 0.79 -14.88
N GLY A 85 1.03 -0.06 -14.94
CA GLY A 85 2.26 0.08 -14.20
C GLY A 85 3.33 0.95 -14.84
N GLY A 86 3.17 1.31 -16.12
CA GLY A 86 4.19 2.07 -16.82
C GLY A 86 5.53 1.36 -16.74
N PHE A 87 6.58 2.13 -16.41
CA PHE A 87 7.93 1.59 -16.22
C PHE A 87 8.29 1.14 -14.79
N LEU A 88 7.31 1.05 -13.90
CA LEU A 88 7.48 0.34 -12.62
C LEU A 88 7.36 -1.17 -12.83
N ARG A 89 7.92 -1.93 -11.88
N ARG A 89 7.94 -1.96 -11.92
CA ARG A 89 7.89 -3.40 -11.94
CA ARG A 89 7.87 -3.42 -12.00
C ARG A 89 6.61 -3.95 -11.27
C ARG A 89 6.61 -3.94 -11.30
N CYS A 90 5.47 -3.65 -11.90
CA CYS A 90 4.17 -4.11 -11.42
C CYS A 90 3.20 -4.25 -12.59
N LYS A 91 2.07 -4.91 -12.34
CA LYS A 91 0.98 -5.09 -13.32
C LYS A 91 0.04 -3.87 -13.32
N ASN A 92 -0.26 -3.33 -12.12
CA ASN A 92 -1.12 -2.15 -12.00
C ASN A 92 -0.62 -1.27 -10.85
N ILE A 93 -0.89 0.03 -10.95
CA ILE A 93 -0.77 0.96 -9.81
C ILE A 93 -2.19 1.30 -9.34
N ILE A 94 -2.42 1.23 -8.02
CA ILE A 94 -3.67 1.73 -7.44
C ILE A 94 -3.32 3.03 -6.72
N HIS A 95 -3.95 4.14 -7.15
CA HIS A 95 -3.69 5.47 -6.61
C HIS A 95 -4.83 5.79 -5.62
N VAL A 96 -4.48 5.85 -4.33
CA VAL A 96 -5.45 6.18 -3.26
C VAL A 96 -5.20 7.63 -2.78
N ILE A 97 -6.21 8.21 -2.14
CA ILE A 97 -6.15 9.61 -1.68
C ILE A 97 -5.57 9.63 -0.26
N GLY A 98 -4.39 10.27 -0.09
CA GLY A 98 -3.70 10.26 1.20
C GLY A 98 -4.53 10.78 2.38
N GLY A 99 -5.41 11.75 2.12
CA GLY A 99 -6.26 12.32 3.18
C GLY A 99 -7.46 11.47 3.60
N ASN A 100 -7.80 10.45 2.80
CA ASN A 100 -8.95 9.59 3.12
C ASN A 100 -8.63 8.64 4.29
N ASP A 101 -9.69 8.05 4.87
N ASP A 101 -9.69 8.05 4.85
CA ASP A 101 -9.57 6.99 5.89
CA ASP A 101 -9.57 7.01 5.87
C ASP A 101 -8.66 5.87 5.35
C ASP A 101 -8.67 5.85 5.37
N VAL A 102 -7.54 5.62 6.05
CA VAL A 102 -6.53 4.68 5.55
C VAL A 102 -7.03 3.23 5.60
N LYS A 103 -7.79 2.88 6.64
CA LYS A 103 -8.34 1.51 6.71
C LYS A 103 -9.24 1.24 5.49
N SER A 104 -10.12 2.20 5.15
CA SER A 104 -10.98 2.09 3.97
C SER A 104 -10.16 1.94 2.67
N SER A 105 -9.11 2.76 2.52
CA SER A 105 -8.26 2.70 1.31
C SER A 105 -7.58 1.32 1.16
N VAL A 106 -7.02 0.79 2.25
CA VAL A 106 -6.36 -0.51 2.18
C VAL A 106 -7.38 -1.64 1.94
N SER A 107 -8.56 -1.57 2.56
CA SER A 107 -9.62 -2.55 2.26
C SER A 107 -9.96 -2.57 0.75
N SER A 108 -10.06 -1.39 0.15
CA SER A 108 -10.32 -1.30 -1.30
C SER A 108 -9.19 -1.94 -2.14
N VAL A 109 -7.93 -1.64 -1.79
CA VAL A 109 -6.80 -2.25 -2.47
C VAL A 109 -6.85 -3.79 -2.41
N LEU A 110 -7.11 -4.33 -1.22
CA LEU A 110 -7.18 -5.79 -1.04
C LEU A 110 -8.29 -6.42 -1.92
N GLN A 111 -9.46 -5.81 -1.91
N GLN A 111 -9.47 -5.81 -1.91
CA GLN A 111 -10.59 -6.30 -2.71
CA GLN A 111 -10.61 -6.26 -2.73
C GLN A 111 -10.30 -6.26 -4.23
C GLN A 111 -10.31 -6.25 -4.22
N GLU A 112 -9.69 -5.16 -4.69
CA GLU A 112 -9.32 -5.04 -6.12
C GLU A 112 -8.26 -6.09 -6.54
N CYS A 113 -7.31 -6.38 -5.62
CA CYS A 113 -6.32 -7.41 -5.89
C CYS A 113 -6.93 -8.82 -5.97
N GLU A 114 -7.89 -9.16 -5.10
CA GLU A 114 -8.63 -10.44 -5.21
C GLU A 114 -9.41 -10.53 -6.53
N LYS A 115 -10.02 -9.43 -6.96
N LYS A 115 -10.02 -9.43 -6.96
CA LYS A 115 -10.76 -9.41 -8.23
CA LYS A 115 -10.76 -9.40 -8.22
C LYS A 115 -9.87 -9.78 -9.43
C LYS A 115 -9.87 -9.75 -9.44
N LYS A 116 -8.58 -9.40 -9.36
CA LYS A 116 -7.62 -9.69 -10.45
C LYS A 116 -6.81 -11.00 -10.21
N ASN A 117 -7.10 -11.73 -9.13
CA ASN A 117 -6.34 -12.95 -8.75
C ASN A 117 -4.84 -12.66 -8.54
N TYR A 118 -4.53 -11.48 -8.01
CA TYR A 118 -3.16 -11.11 -7.68
C TYR A 118 -2.71 -11.65 -6.32
N SER A 119 -1.39 -11.89 -6.20
CA SER A 119 -0.81 -12.45 -4.99
C SER A 119 0.02 -11.49 -4.13
N SER A 120 0.62 -10.44 -4.72
CA SER A 120 1.52 -9.55 -3.99
C SER A 120 1.16 -8.06 -4.15
N ILE A 121 1.31 -7.34 -3.03
CA ILE A 121 1.03 -5.90 -2.94
C ILE A 121 2.20 -5.20 -2.26
N CYS A 122 2.60 -4.02 -2.74
N CYS A 122 2.58 -4.02 -2.76
CA CYS A 122 3.55 -3.17 -2.02
CA CYS A 122 3.53 -3.13 -2.09
C CYS A 122 2.97 -1.76 -1.89
C CYS A 122 2.87 -1.77 -1.88
N LEU A 123 2.99 -1.21 -0.67
CA LEU A 123 2.40 0.12 -0.38
C LEU A 123 3.37 0.95 0.45
N PRO A 124 3.22 2.30 0.42
CA PRO A 124 3.96 3.19 1.31
C PRO A 124 3.16 3.36 2.62
N ALA A 125 3.67 4.20 3.55
CA ALA A 125 2.91 4.56 4.76
C ALA A 125 1.86 5.62 4.39
N ILE A 126 0.78 5.14 3.75
CA ILE A 126 -0.27 5.97 3.14
C ILE A 126 -0.73 7.05 4.13
N GLY A 127 -0.80 8.31 3.66
CA GLY A 127 -1.34 9.40 4.46
C GLY A 127 -0.34 10.17 5.33
N THR A 128 0.89 9.65 5.48
CA THR A 128 1.87 10.29 6.39
C THR A 128 2.67 11.41 5.75
N GLY A 129 2.55 11.59 4.42
CA GLY A 129 3.32 12.59 3.67
C GLY A 129 2.53 13.88 3.54
N ASN A 130 2.16 14.24 2.31
CA ASN A 130 1.38 15.44 2.04
C ASN A 130 0.14 15.60 2.95
N ALA A 131 -0.55 14.50 3.23
CA ALA A 131 -1.79 14.54 4.01
C ALA A 131 -1.55 14.75 5.53
N LYS A 132 -0.33 14.49 6.00
CA LYS A 132 0.06 14.78 7.39
C LYS A 132 -0.86 14.07 8.43
N GLN A 133 -1.22 12.80 8.15
CA GLN A 133 -1.83 11.94 9.17
C GLN A 133 -0.71 11.36 10.09
N HIS A 134 -1.06 11.06 11.32
N HIS A 134 -1.06 11.07 11.34
CA HIS A 134 -0.08 10.60 12.29
CA HIS A 134 -0.09 10.59 12.36
C HIS A 134 0.36 9.14 12.01
C HIS A 134 0.36 9.13 12.05
N PRO A 135 1.69 8.88 12.02
CA PRO A 135 2.17 7.50 11.74
C PRO A 135 1.57 6.38 12.60
N ASP A 136 1.37 6.60 13.90
CA ASP A 136 0.80 5.54 14.75
C ASP A 136 -0.64 5.18 14.35
N LYS A 137 -1.45 6.19 14.01
CA LYS A 137 -2.82 5.93 13.53
C LYS A 137 -2.82 5.23 12.15
N VAL A 138 -1.88 5.62 11.28
CA VAL A 138 -1.74 5.00 9.96
C VAL A 138 -1.35 3.51 10.08
N ALA A 139 -0.36 3.20 10.92
CA ALA A 139 0.05 1.80 11.12
C ALA A 139 -1.12 0.96 11.65
N GLU A 140 -1.83 1.48 12.65
CA GLU A 140 -2.97 0.76 13.24
C GLU A 140 -4.05 0.47 12.17
N ALA A 141 -4.31 1.47 11.31
CA ALA A 141 -5.33 1.35 10.25
C ALA A 141 -4.97 0.33 9.16
N ILE A 142 -3.71 0.35 8.70
CA ILE A 142 -3.25 -0.59 7.67
C ILE A 142 -3.38 -2.05 8.17
N ILE A 143 -2.88 -2.29 9.39
CA ILE A 143 -2.90 -3.66 9.92
C ILE A 143 -4.35 -4.09 10.25
N ASP A 144 -5.17 -3.18 10.77
CA ASP A 144 -6.59 -3.49 10.99
C ASP A 144 -7.31 -3.90 9.69
N ALA A 145 -7.02 -3.22 8.58
CA ALA A 145 -7.66 -3.57 7.29
C ALA A 145 -7.32 -5.02 6.89
N ILE A 146 -6.06 -5.41 7.06
CA ILE A 146 -5.64 -6.78 6.74
C ILE A 146 -6.32 -7.81 7.69
N GLU A 147 -6.36 -7.50 8.98
CA GLU A 147 -7.05 -8.38 9.94
C GLU A 147 -8.53 -8.59 9.56
N ASP A 148 -9.24 -7.51 9.22
CA ASP A 148 -10.66 -7.62 8.86
C ASP A 148 -10.86 -8.48 7.59
N PHE A 149 -9.98 -8.28 6.61
N PHE A 149 -9.98 -8.28 6.61
CA PHE A 149 -9.99 -9.04 5.34
CA PHE A 149 -10.01 -9.07 5.35
C PHE A 149 -9.81 -10.56 5.59
C PHE A 149 -9.87 -10.57 5.65
N VAL A 150 -8.87 -10.90 6.48
CA VAL A 150 -8.63 -12.29 6.91
C VAL A 150 -9.83 -12.85 7.72
N GLN A 151 -10.36 -12.07 8.67
CA GLN A 151 -11.48 -12.51 9.52
C GLN A 151 -12.73 -12.86 8.70
N LYS A 152 -12.96 -12.10 7.63
CA LYS A 152 -14.14 -12.32 6.75
C LYS A 152 -13.96 -13.50 5.78
N GLY A 153 -12.77 -14.14 5.77
CA GLY A 153 -12.51 -15.27 4.89
C GLY A 153 -12.20 -14.85 3.46
N SER A 154 -11.78 -13.59 3.28
CA SER A 154 -11.66 -13.03 1.94
C SER A 154 -10.31 -13.31 1.27
N ALA A 155 -9.30 -13.69 2.04
CA ALA A 155 -7.97 -13.95 1.49
C ALA A 155 -7.99 -15.27 0.75
N GLN A 156 -7.77 -15.23 -0.56
CA GLN A 156 -7.74 -16.40 -1.44
C GLN A 156 -6.49 -16.33 -2.33
N SER A 157 -6.45 -15.35 -3.24
N SER A 157 -6.45 -15.35 -3.24
CA SER A 157 -5.27 -15.12 -4.07
CA SER A 157 -5.26 -15.12 -4.06
C SER A 157 -4.16 -14.31 -3.37
C SER A 157 -4.15 -14.32 -3.37
N VAL A 158 -4.52 -13.33 -2.52
CA VAL A 158 -3.53 -12.46 -1.87
C VAL A 158 -2.73 -13.24 -0.82
N LYS A 159 -1.39 -13.23 -0.99
CA LYS A 159 -0.45 -13.97 -0.12
C LYS A 159 0.60 -13.10 0.58
N LYS A 160 0.92 -11.92 0.03
CA LYS A 160 2.01 -11.10 0.58
C LYS A 160 1.64 -9.62 0.46
N VAL A 161 1.74 -8.90 1.60
CA VAL A 161 1.51 -7.46 1.67
C VAL A 161 2.74 -6.82 2.35
N LYS A 162 3.45 -5.97 1.60
CA LYS A 162 4.71 -5.35 2.06
C LYS A 162 4.57 -3.82 2.10
N VAL A 163 4.92 -3.21 3.23
CA VAL A 163 4.96 -1.75 3.36
C VAL A 163 6.46 -1.33 3.25
N VAL A 164 6.79 -0.55 2.20
CA VAL A 164 8.16 -0.01 2.04
C VAL A 164 8.06 1.48 2.40
N ILE A 165 8.84 1.87 3.41
CA ILE A 165 8.64 3.11 4.18
C ILE A 165 9.88 4.05 4.01
N PHE A 166 9.61 5.31 3.63
CA PHE A 166 10.67 6.28 3.37
C PHE A 166 11.51 6.66 4.62
N LEU A 167 10.83 6.99 5.72
CA LEU A 167 11.50 7.46 6.95
C LEU A 167 11.73 6.30 7.94
N PRO A 168 13.01 6.04 8.32
CA PRO A 168 13.23 5.01 9.34
C PRO A 168 12.40 5.20 10.64
N GLN A 169 12.19 6.43 11.05
N GLN A 169 12.16 6.43 11.09
CA GLN A 169 11.37 6.69 12.23
CA GLN A 169 11.32 6.63 12.30
C GLN A 169 9.90 6.17 12.12
C GLN A 169 9.89 6.13 12.13
N VAL A 170 9.36 6.19 10.92
CA VAL A 170 8.02 5.64 10.64
C VAL A 170 8.10 4.09 10.63
N LEU A 171 9.17 3.52 10.08
CA LEU A 171 9.39 2.06 10.17
C LEU A 171 9.35 1.60 11.64
N ASP A 172 9.99 2.37 12.54
CA ASP A 172 10.00 2.00 13.97
C ASP A 172 8.58 1.92 14.57
N VAL A 173 7.71 2.84 14.16
CA VAL A 173 6.30 2.85 14.59
C VAL A 173 5.58 1.56 14.11
N PHE A 174 5.78 1.20 12.84
CA PHE A 174 5.17 -0.03 12.31
C PHE A 174 5.67 -1.29 13.04
N TYR A 175 6.98 -1.39 13.27
N TYR A 175 6.98 -1.39 13.26
CA TYR A 175 7.55 -2.53 14.01
CA TYR A 175 7.59 -2.50 14.01
C TYR A 175 6.94 -2.65 15.41
C TYR A 175 6.95 -2.65 15.41
N ALA A 176 6.82 -1.52 16.12
CA ALA A 176 6.22 -1.57 17.47
C ALA A 176 4.77 -2.07 17.43
N ASN A 177 4.02 -1.67 16.40
CA ASN A 177 2.64 -2.11 16.27
C ASN A 177 2.56 -3.64 16.02
N MET A 178 3.44 -4.16 15.15
CA MET A 178 3.53 -5.61 14.93
C MET A 178 3.83 -6.38 16.25
N LYS A 179 4.81 -5.90 17.03
CA LYS A 179 5.14 -6.53 18.32
C LYS A 179 3.96 -6.53 19.31
N LYS A 180 3.19 -5.44 19.30
CA LYS A 180 2.01 -5.34 20.17
C LYS A 180 1.02 -6.48 19.83
N ARG A 181 0.87 -6.78 18.53
CA ARG A 181 -0.15 -7.74 18.08
C ARG A 181 0.29 -9.22 18.07
N GLU A 182 1.60 -9.49 18.13
CA GLU A 182 2.06 -10.86 17.82
C GLU A 182 1.53 -11.91 18.79
N GLY A 183 1.39 -13.13 18.28
CA GLY A 183 0.89 -14.24 19.08
C GLY A 183 1.74 -14.53 20.30
CL CL B . 0.14 11.25 1.87
CL CL C . 6.39 6.12 3.19
S DMS D . -10.45 10.10 7.62
O DMS D . -10.94 11.19 6.74
C1 DMS D . -8.81 10.43 7.95
C2 DMS D . -11.11 10.19 9.17
N1 GVV E . 6.53 9.03 1.59
C4 GVV E . 7.64 9.26 0.72
C5 GVV E . 8.07 8.29 -0.16
C6 GVV E . 9.12 8.58 -1.02
C7 GVV E . 9.76 9.81 -1.02
C8 GVV E . 9.32 10.79 -0.13
C10 GVV E . 10.91 10.10 -1.94
C1 GVV E . 3.02 8.58 1.76
C2 GVV E . 4.27 9.09 2.47
C3 GVV E . 5.32 9.62 1.51
O1 GVV E . 5.08 10.52 0.70
C9 GVV E . 8.26 10.53 0.75
O2 GVV E . 7.85 11.47 1.61
#